data_8HUK
#
_entry.id   8HUK
#
_cell.length_a   59.733
_cell.length_b   101.383
_cell.length_c   60.361
_cell.angle_alpha   90.000
_cell.angle_beta   98.480
_cell.angle_gamma   90.000
#
_symmetry.space_group_name_H-M   'P 1 21 1'
#
loop_
_entity.id
_entity.type
_entity.pdbx_description
1 polymer 'Peroxisome proliferator-activated receptor alpha'
2 polymer '15-meric peptide from Nuclear receptor coactivator 1'
3 non-polymer '4-[1-(1,3-benzothiazol-6-ylsulfonyl)-5-chloro-indol-2-yl]butanoic acid'
#
loop_
_entity_poly.entity_id
_entity_poly.type
_entity_poly.pdbx_seq_one_letter_code
_entity_poly.pdbx_strand_id
1 'polypeptide(L)'
;GSHMTADLKSLAKRIYEAYLKNFNMNKVKARVILSGKASNNPPFVIHDMETLCMAEKTLVAKLVANGIQNKEAEVRIFHC
CQCTSVETVTELTEFAKAIPGFANLDLNDQVTLLKYGVYEAIFAMLSSVMNKDGMLVAYGNGFITREFLKSLRKPFCDIM
EPKFDFAMKFNALELDDSDISLFVAAIICCGDRPGLLNVGHIEKMQEGIVHVLRLHLQSNHPDDIFLFPKLLQKMADLRQ
LVTEHAQLVQIIKKTESDAALHPLLQEIYRDMY
;
A,C
2 'polypeptide(L)' LTERHKILHRLLQEG B
#
# COMPACT_ATOMS: atom_id res chain seq x y z
N THR A 5 -27.43 13.01 -15.05
CA THR A 5 -26.48 12.35 -15.94
C THR A 5 -27.02 11.00 -16.41
N ALA A 6 -26.45 10.48 -17.50
CA ALA A 6 -26.86 9.19 -18.02
C ALA A 6 -26.20 8.05 -17.23
N ASP A 7 -24.89 7.92 -17.34
CA ASP A 7 -24.18 6.85 -16.63
C ASP A 7 -24.20 7.09 -15.13
N LEU A 8 -23.90 8.32 -14.70
CA LEU A 8 -23.85 8.61 -13.27
C LEU A 8 -25.16 8.26 -12.58
N LYS A 9 -26.28 8.56 -13.22
CA LYS A 9 -27.58 8.22 -12.64
C LYS A 9 -27.91 6.74 -12.82
N SER A 10 -27.36 6.10 -13.85
CA SER A 10 -27.63 4.69 -14.08
C SER A 10 -26.74 3.81 -13.21
N LEU A 11 -25.43 4.08 -13.21
CA LEU A 11 -24.51 3.31 -12.38
C LEU A 11 -24.92 3.32 -10.91
N ALA A 12 -25.54 4.42 -10.46
CA ALA A 12 -25.97 4.49 -9.07
C ALA A 12 -27.06 3.46 -8.78
N LYS A 13 -27.97 3.25 -9.73
CA LYS A 13 -29.04 2.27 -9.53
C LYS A 13 -28.57 0.84 -9.78
N ARG A 14 -27.50 0.65 -10.56
CA ARG A 14 -26.95 -0.69 -10.72
C ARG A 14 -26.30 -1.16 -9.42
N ILE A 15 -25.49 -0.31 -8.78
CA ILE A 15 -24.89 -0.71 -7.51
C ILE A 15 -25.96 -0.89 -6.45
N TYR A 16 -27.00 -0.05 -6.49
CA TYR A 16 -28.13 -0.19 -5.58
C TYR A 16 -28.72 -1.59 -5.68
N GLU A 17 -28.99 -2.03 -6.92
CA GLU A 17 -29.56 -3.36 -7.14
C GLU A 17 -28.67 -4.44 -6.53
N ALA A 18 -27.38 -4.43 -6.89
CA ALA A 18 -26.46 -5.41 -6.34
C ALA A 18 -26.47 -5.38 -4.82
N TYR A 19 -26.71 -4.21 -4.23
CA TYR A 19 -26.86 -4.11 -2.79
C TYR A 19 -28.08 -4.91 -2.32
N LEU A 20 -29.27 -4.56 -2.82
CA LEU A 20 -30.49 -5.24 -2.39
C LEU A 20 -30.43 -6.73 -2.72
N LYS A 21 -29.94 -7.07 -3.91
CA LYS A 21 -29.91 -8.47 -4.31
C LYS A 21 -29.01 -9.30 -3.41
N ASN A 22 -27.84 -8.76 -3.04
CA ASN A 22 -26.87 -9.52 -2.24
C ASN A 22 -26.99 -9.27 -0.75
N PHE A 23 -27.63 -8.19 -0.31
CA PHE A 23 -27.64 -7.82 1.09
C PHE A 23 -29.07 -7.86 1.62
N ASN A 24 -29.34 -8.85 2.47
CA ASN A 24 -30.49 -8.88 3.36
C ASN A 24 -29.98 -9.37 4.69
N MET A 25 -30.29 -8.65 5.76
CA MET A 25 -31.21 -7.53 5.74
C MET A 25 -30.58 -6.21 5.29
N ASN A 26 -31.43 -5.25 4.93
CA ASN A 26 -31.05 -3.89 4.59
C ASN A 26 -31.57 -2.93 5.66
N LYS A 27 -31.51 -1.63 5.36
CA LYS A 27 -31.93 -0.61 6.30
C LYS A 27 -33.44 -0.38 6.28
N VAL A 28 -34.07 -0.43 5.11
CA VAL A 28 -35.52 -0.22 5.05
C VAL A 28 -36.23 -1.29 5.86
N LYS A 29 -35.74 -2.54 5.79
CA LYS A 29 -36.34 -3.61 6.58
C LYS A 29 -36.03 -3.46 8.06
N ALA A 30 -34.79 -3.07 8.39
CA ALA A 30 -34.43 -2.90 9.80
C ALA A 30 -35.22 -1.77 10.45
N ARG A 31 -35.58 -0.75 9.68
CA ARG A 31 -36.42 0.33 10.20
C ARG A 31 -37.87 -0.11 10.35
N VAL A 32 -38.31 -1.08 9.54
CA VAL A 32 -39.65 -1.63 9.71
C VAL A 32 -39.73 -2.43 11.01
N ILE A 33 -38.83 -3.40 11.18
CA ILE A 33 -38.82 -4.19 12.41
C ILE A 33 -38.78 -3.28 13.63
N LEU A 34 -37.97 -2.24 13.57
CA LEU A 34 -37.93 -1.25 14.62
C LEU A 34 -39.06 -0.24 14.42
N SER A 35 -39.23 0.64 15.41
CA SER A 35 -40.25 1.69 15.36
C SER A 35 -41.66 1.11 15.26
N GLY A 36 -41.83 -0.17 15.57
CA GLY A 36 -43.13 -0.80 15.46
C GLY A 36 -43.74 -0.55 14.10
N LYS A 37 -45.07 -0.56 14.06
CA LYS A 37 -45.80 -0.30 12.83
C LYS A 37 -45.57 -1.38 11.80
N ALA A 38 -46.64 -1.82 11.13
CA ALA A 38 -46.59 -2.86 10.10
C ALA A 38 -45.92 -4.14 10.58
N SER A 39 -45.84 -4.34 11.90
CA SER A 39 -45.17 -5.52 12.44
C SER A 39 -45.97 -6.08 13.62
N ASN A 40 -46.13 -5.27 14.66
CA ASN A 40 -46.96 -5.61 15.81
C ASN A 40 -46.34 -6.70 16.68
N ASN A 41 -45.61 -7.62 16.06
CA ASN A 41 -44.93 -8.69 16.78
C ASN A 41 -43.46 -8.35 16.93
N PRO A 42 -43.08 -7.67 18.02
CA PRO A 42 -41.69 -7.24 18.19
C PRO A 42 -40.75 -8.43 18.25
N PRO A 43 -39.46 -8.23 18.01
CA PRO A 43 -38.52 -9.35 18.06
C PRO A 43 -38.19 -9.72 19.50
N PHE A 44 -37.82 -10.98 19.68
CA PHE A 44 -37.45 -11.45 21.01
C PHE A 44 -36.23 -10.70 21.51
N VAL A 45 -36.37 -10.03 22.64
CA VAL A 45 -35.29 -9.22 23.19
C VAL A 45 -34.39 -10.08 24.06
N ILE A 46 -33.09 -9.89 23.92
CA ILE A 46 -32.08 -10.60 24.68
C ILE A 46 -31.37 -9.57 25.55
N HIS A 47 -31.65 -9.59 26.86
CA HIS A 47 -31.05 -8.63 27.78
C HIS A 47 -30.34 -9.28 28.97
N ASP A 48 -30.25 -10.60 29.02
CA ASP A 48 -29.57 -11.29 30.11
C ASP A 48 -29.26 -12.71 29.67
N MET A 49 -28.56 -13.44 30.55
CA MET A 49 -28.21 -14.83 30.24
C MET A 49 -29.46 -15.68 30.04
N GLU A 50 -30.54 -15.36 30.75
CA GLU A 50 -31.77 -16.14 30.62
C GLU A 50 -32.30 -16.06 29.20
N THR A 51 -32.60 -14.85 28.72
CA THR A 51 -33.10 -14.69 27.36
C THR A 51 -32.11 -15.21 26.33
N LEU A 52 -30.80 -15.12 26.63
CA LEU A 52 -29.81 -15.62 25.68
C LEU A 52 -29.93 -17.13 25.49
N CYS A 53 -30.10 -17.87 26.60
CA CYS A 53 -30.21 -19.32 26.49
C CYS A 53 -31.51 -19.73 25.79
N MET A 54 -32.59 -19.00 26.04
CA MET A 54 -33.85 -19.28 25.34
C MET A 54 -33.67 -19.14 23.83
N ALA A 55 -32.96 -18.10 23.38
CA ALA A 55 -32.71 -17.93 21.96
C ALA A 55 -31.74 -18.97 21.42
N GLU A 56 -30.88 -19.53 22.28
CA GLU A 56 -29.94 -20.56 21.83
C GLU A 56 -30.63 -21.91 21.66
N LYS A 57 -31.50 -22.30 22.59
CA LYS A 57 -32.22 -23.56 22.47
C LYS A 57 -33.03 -23.64 21.20
N THR A 58 -33.34 -22.50 20.57
CA THR A 58 -34.10 -22.46 19.33
C THR A 58 -33.22 -22.24 18.11
N LEU A 59 -31.95 -22.67 18.17
CA LEU A 59 -31.03 -22.51 17.04
C LEU A 59 -30.18 -23.74 16.75
N VAL A 60 -29.89 -24.59 17.73
CA VAL A 60 -29.06 -25.77 17.48
C VAL A 60 -27.64 -25.35 17.09
N LYS A 71 -19.14 -24.69 26.65
CA LYS A 71 -18.36 -23.48 26.44
C LYS A 71 -19.01 -22.29 27.16
N GLU A 72 -18.22 -21.24 27.38
CA GLU A 72 -18.72 -20.06 28.05
C GLU A 72 -19.73 -19.33 27.17
N ALA A 73 -20.60 -18.56 27.83
CA ALA A 73 -21.57 -17.75 27.10
C ALA A 73 -20.87 -16.74 26.20
N GLU A 74 -19.83 -16.07 26.71
CA GLU A 74 -19.12 -15.08 25.92
C GLU A 74 -18.52 -15.71 24.66
N VAL A 75 -18.00 -16.93 24.78
CA VAL A 75 -17.36 -17.57 23.63
C VAL A 75 -18.41 -18.05 22.62
N ARG A 76 -19.57 -18.48 23.10
CA ARG A 76 -20.63 -18.90 22.18
C ARG A 76 -21.14 -17.72 21.36
N ILE A 77 -21.39 -16.58 22.01
CA ILE A 77 -21.77 -15.37 21.27
C ILE A 77 -20.72 -15.02 20.24
N PHE A 78 -19.46 -15.34 20.53
CA PHE A 78 -18.35 -15.06 19.62
C PHE A 78 -18.56 -15.74 18.28
N HIS A 79 -18.62 -17.08 18.30
CA HIS A 79 -18.76 -17.85 17.07
C HIS A 79 -20.07 -17.53 16.35
N CYS A 80 -21.10 -17.12 17.09
CA CYS A 80 -22.34 -16.70 16.45
C CYS A 80 -22.11 -15.47 15.58
N CYS A 81 -21.28 -14.54 16.05
CA CYS A 81 -20.97 -13.37 15.25
C CYS A 81 -19.99 -13.70 14.13
N GLN A 82 -19.14 -14.71 14.33
CA GLN A 82 -18.25 -15.15 13.26
C GLN A 82 -19.04 -15.70 12.08
N CYS A 83 -20.10 -16.46 12.36
CA CYS A 83 -20.93 -17.00 11.28
C CYS A 83 -21.57 -15.89 10.47
N THR A 84 -21.88 -14.75 11.11
CA THR A 84 -22.44 -13.62 10.37
C THR A 84 -21.36 -12.85 9.61
N SER A 85 -20.21 -12.63 10.24
CA SER A 85 -19.09 -12.01 9.54
C SER A 85 -18.72 -12.79 8.29
N VAL A 86 -18.66 -14.11 8.40
CA VAL A 86 -18.32 -14.95 7.25
C VAL A 86 -19.39 -14.84 6.17
N GLU A 87 -20.66 -14.88 6.56
CA GLU A 87 -21.74 -14.76 5.58
C GLU A 87 -21.69 -13.39 4.90
N THR A 88 -21.37 -12.35 5.65
CA THR A 88 -21.33 -11.00 5.07
C THR A 88 -20.17 -10.85 4.09
N VAL A 89 -18.99 -11.32 4.47
CA VAL A 89 -17.83 -11.24 3.58
C VAL A 89 -18.15 -11.92 2.26
N THR A 90 -18.82 -13.08 2.32
CA THR A 90 -19.23 -13.75 1.08
C THR A 90 -20.14 -12.84 0.26
N GLU A 91 -21.19 -12.30 0.89
CA GLU A 91 -22.08 -11.37 0.19
C GLU A 91 -21.30 -10.19 -0.36
N LEU A 92 -20.32 -9.68 0.41
CA LEU A 92 -19.50 -8.57 -0.08
C LEU A 92 -18.74 -8.98 -1.34
N THR A 93 -18.16 -10.19 -1.35
CA THR A 93 -17.45 -10.65 -2.53
C THR A 93 -18.37 -10.66 -3.75
N GLU A 94 -19.61 -11.13 -3.58
CA GLU A 94 -20.56 -11.10 -4.69
C GLU A 94 -20.95 -9.67 -5.02
N PHE A 95 -21.21 -8.84 -4.00
CA PHE A 95 -21.52 -7.43 -4.26
C PHE A 95 -20.37 -6.73 -4.97
N ALA A 96 -19.12 -7.11 -4.64
CA ALA A 96 -17.97 -6.46 -5.25
C ALA A 96 -17.86 -6.79 -6.73
N LYS A 97 -18.09 -8.05 -7.09
CA LYS A 97 -17.98 -8.45 -8.49
C LYS A 97 -18.95 -7.67 -9.37
N ALA A 98 -20.14 -7.35 -8.85
CA ALA A 98 -21.11 -6.57 -9.60
C ALA A 98 -20.71 -5.10 -9.72
N ILE A 99 -19.56 -4.71 -9.21
CA ILE A 99 -19.10 -3.31 -9.32
C ILE A 99 -18.41 -3.11 -10.65
N PRO A 100 -18.76 -2.09 -11.42
CA PRO A 100 -18.08 -1.85 -12.71
C PRO A 100 -16.59 -1.65 -12.56
N GLY A 101 -15.81 -2.66 -12.89
CA GLY A 101 -14.36 -2.60 -12.87
C GLY A 101 -13.69 -3.50 -11.85
N PHE A 102 -14.42 -3.98 -10.85
CA PHE A 102 -13.80 -4.83 -9.84
C PHE A 102 -13.37 -6.17 -10.44
N ALA A 103 -14.24 -6.78 -11.26
CA ALA A 103 -13.89 -8.04 -11.90
C ALA A 103 -12.79 -7.86 -12.94
N ASN A 104 -12.58 -6.64 -13.44
CA ASN A 104 -11.52 -6.36 -14.40
C ASN A 104 -10.15 -6.19 -13.75
N LEU A 105 -10.09 -6.09 -12.42
CA LEU A 105 -8.83 -5.85 -11.73
C LEU A 105 -8.01 -7.14 -11.65
N ASP A 106 -6.79 -7.01 -11.14
CA ASP A 106 -5.94 -8.17 -10.93
C ASP A 106 -6.51 -9.05 -9.83
N LEU A 107 -6.36 -10.37 -10.02
CA LEU A 107 -6.90 -11.32 -9.04
C LEU A 107 -6.38 -11.03 -7.63
N ASN A 108 -5.14 -10.58 -7.51
CA ASN A 108 -4.60 -10.23 -6.20
C ASN A 108 -5.08 -8.85 -5.73
N ASP A 109 -5.28 -7.91 -6.66
CA ASP A 109 -5.79 -6.60 -6.27
C ASP A 109 -7.24 -6.68 -5.83
N GLN A 110 -7.99 -7.67 -6.31
CA GLN A 110 -9.35 -7.86 -5.84
C GLN A 110 -9.37 -8.36 -4.40
N VAL A 111 -8.42 -9.22 -4.05
CA VAL A 111 -8.35 -9.75 -2.69
C VAL A 111 -7.97 -8.64 -1.71
N THR A 112 -7.02 -7.79 -2.10
CA THR A 112 -6.59 -6.73 -1.20
C THR A 112 -7.72 -5.74 -0.93
N LEU A 113 -8.42 -5.31 -1.99
CA LEU A 113 -9.54 -4.39 -1.79
C LEU A 113 -10.57 -4.97 -0.84
N LEU A 114 -10.81 -6.28 -0.91
CA LEU A 114 -11.74 -6.95 0.00
C LEU A 114 -11.10 -7.28 1.34
N LYS A 115 -9.77 -7.34 1.42
CA LYS A 115 -9.12 -7.65 2.69
C LYS A 115 -9.24 -6.50 3.67
N TYR A 116 -9.00 -5.28 3.21
CA TYR A 116 -9.07 -4.10 4.07
C TYR A 116 -10.43 -3.43 4.05
N GLY A 117 -11.35 -3.88 3.20
CA GLY A 117 -12.62 -3.20 3.06
C GLY A 117 -13.81 -3.93 3.63
N VAL A 118 -13.74 -5.27 3.69
CA VAL A 118 -14.88 -6.05 4.15
C VAL A 118 -15.39 -5.53 5.49
N TYR A 119 -14.55 -5.60 6.53
CA TYR A 119 -15.01 -5.19 7.85
C TYR A 119 -15.38 -3.71 7.87
N GLU A 120 -14.56 -2.86 7.26
CA GLU A 120 -14.93 -1.44 7.17
C GLU A 120 -16.34 -1.27 6.61
N ALA A 121 -16.78 -2.18 5.75
CA ALA A 121 -18.15 -2.12 5.25
C ALA A 121 -19.13 -2.80 6.20
N ILE A 122 -18.71 -3.93 6.79
CA ILE A 122 -19.58 -4.64 7.72
C ILE A 122 -20.05 -3.72 8.84
N PHE A 123 -19.14 -2.90 9.37
CA PHE A 123 -19.51 -1.97 10.43
C PHE A 123 -20.42 -0.86 9.92
N ALA A 124 -20.13 -0.33 8.73
CA ALA A 124 -21.01 0.68 8.15
C ALA A 124 -22.44 0.15 8.04
N MET A 125 -22.60 -1.04 7.44
CA MET A 125 -23.93 -1.60 7.27
C MET A 125 -24.53 -2.04 8.59
N LEU A 126 -23.70 -2.48 9.54
CA LEU A 126 -24.21 -2.91 10.83
C LEU A 126 -24.99 -1.81 11.54
N SER A 127 -24.57 -0.55 11.37
CA SER A 127 -25.25 0.56 12.03
C SER A 127 -26.70 0.72 11.58
N SER A 128 -27.10 0.06 10.49
CA SER A 128 -28.48 0.16 10.04
C SER A 128 -29.43 -0.59 10.98
N VAL A 129 -28.99 -1.70 11.55
CA VAL A 129 -29.81 -2.51 12.44
C VAL A 129 -29.53 -2.19 13.90
N MET A 130 -28.94 -1.03 14.18
CA MET A 130 -28.57 -0.65 15.54
C MET A 130 -29.34 0.59 15.97
N ASN A 131 -29.50 0.74 17.28
CA ASN A 131 -30.01 1.97 17.86
C ASN A 131 -29.35 2.15 19.23
N LYS A 132 -29.59 3.31 19.84
CA LYS A 132 -28.96 3.65 21.11
C LYS A 132 -29.13 2.55 22.15
N ASP A 133 -30.09 1.65 21.96
CA ASP A 133 -30.41 0.63 22.96
C ASP A 133 -29.99 -0.78 22.57
N GLY A 134 -29.84 -1.07 21.29
CA GLY A 134 -29.45 -2.41 20.88
C GLY A 134 -29.45 -2.55 19.38
N MET A 135 -29.27 -3.79 18.93
CA MET A 135 -29.19 -4.10 17.51
C MET A 135 -30.03 -5.34 17.22
N LEU A 136 -30.36 -5.53 15.94
CA LEU A 136 -31.15 -6.67 15.50
C LEU A 136 -30.23 -7.79 15.04
N VAL A 137 -30.49 -9.00 15.53
CA VAL A 137 -29.73 -10.19 15.15
C VAL A 137 -30.71 -11.24 14.63
N ALA A 138 -30.16 -12.24 13.95
CA ALA A 138 -30.94 -13.34 13.38
C ALA A 138 -32.05 -12.82 12.47
N TYR A 139 -31.62 -12.12 11.42
CA TYR A 139 -32.53 -11.67 10.35
C TYR A 139 -33.68 -10.82 10.90
N GLY A 140 -33.41 -10.04 11.95
CA GLY A 140 -34.41 -9.17 12.53
C GLY A 140 -35.40 -9.83 13.47
N ASN A 141 -35.37 -11.16 13.60
CA ASN A 141 -36.28 -11.82 14.52
C ASN A 141 -35.89 -11.60 15.98
N GLY A 142 -34.66 -11.16 16.24
CA GLY A 142 -34.20 -10.93 17.58
C GLY A 142 -33.69 -9.50 17.76
N PHE A 143 -33.47 -9.14 19.01
CA PHE A 143 -32.95 -7.83 19.37
C PHE A 143 -32.14 -7.97 20.64
N ILE A 144 -30.85 -7.66 20.56
CA ILE A 144 -29.94 -7.74 21.70
C ILE A 144 -29.65 -6.32 22.18
N THR A 145 -29.82 -6.09 23.48
CA THR A 145 -29.65 -4.75 24.04
C THR A 145 -28.18 -4.43 24.23
N ARG A 146 -27.87 -3.13 24.16
CA ARG A 146 -26.49 -2.69 24.33
C ARG A 146 -25.99 -2.99 25.74
N GLU A 147 -26.78 -2.64 26.75
CA GLU A 147 -26.33 -2.82 28.13
C GLU A 147 -25.93 -4.27 28.42
N PHE A 148 -26.62 -5.23 27.78
CA PHE A 148 -26.27 -6.63 28.02
C PHE A 148 -24.87 -6.95 27.52
N LEU A 149 -24.46 -6.34 26.41
CA LEU A 149 -23.13 -6.60 25.88
C LEU A 149 -22.05 -5.98 26.75
N LYS A 150 -22.28 -4.76 27.26
CA LYS A 150 -21.36 -4.16 28.21
C LYS A 150 -21.25 -4.98 29.49
N SER A 151 -22.20 -5.89 29.72
CA SER A 151 -22.19 -6.70 30.94
C SER A 151 -21.12 -7.79 30.86
N LEU A 152 -21.05 -8.51 29.74
CA LEU A 152 -20.13 -9.60 29.56
C LEU A 152 -18.73 -9.27 30.07
N ARG A 153 -17.94 -10.30 30.36
CA ARG A 153 -16.58 -10.08 30.84
C ARG A 153 -15.68 -9.60 29.70
N LYS A 154 -14.54 -9.05 30.08
CA LYS A 154 -13.58 -8.60 29.08
C LYS A 154 -12.85 -9.78 28.48
N PRO A 155 -12.27 -9.62 27.28
CA PRO A 155 -12.34 -8.36 26.53
C PRO A 155 -13.60 -8.27 25.66
N PHE A 156 -14.48 -9.27 25.78
CA PHE A 156 -15.64 -9.35 24.90
C PHE A 156 -16.54 -8.12 25.04
N CYS A 157 -16.73 -7.64 26.27
CA CYS A 157 -17.64 -6.52 26.48
C CYS A 157 -17.22 -5.26 25.73
N ASP A 158 -15.99 -5.19 25.23
CA ASP A 158 -15.49 -4.01 24.53
C ASP A 158 -15.56 -4.13 23.01
N ILE A 159 -16.02 -5.26 22.49
CA ILE A 159 -16.06 -5.43 21.04
C ILE A 159 -17.14 -4.56 20.42
N MET A 160 -18.40 -4.84 20.74
CA MET A 160 -19.52 -4.16 20.10
C MET A 160 -19.67 -2.71 20.54
N GLU A 161 -19.20 -2.35 21.73
CA GLU A 161 -19.44 -1.00 22.23
C GLU A 161 -18.96 0.08 21.28
N PRO A 162 -17.74 0.05 20.76
CA PRO A 162 -17.30 1.10 19.84
C PRO A 162 -18.18 1.22 18.61
N LYS A 163 -18.71 0.09 18.11
CA LYS A 163 -19.56 0.13 16.94
C LYS A 163 -20.85 0.91 17.23
N PHE A 164 -21.46 0.68 18.39
CA PHE A 164 -22.65 1.44 18.76
C PHE A 164 -22.38 2.94 18.70
N ASP A 165 -21.21 3.38 19.17
CA ASP A 165 -20.90 4.79 19.18
C ASP A 165 -20.81 5.33 17.75
N PHE A 166 -20.07 4.64 16.88
CA PHE A 166 -20.02 5.04 15.47
C PHE A 166 -21.41 5.03 14.86
N ALA A 167 -22.17 3.95 15.06
CA ALA A 167 -23.49 3.82 14.47
C ALA A 167 -24.40 4.97 14.88
N MET A 168 -24.26 5.47 16.11
CA MET A 168 -25.11 6.55 16.59
C MET A 168 -24.86 7.83 15.80
N LYS A 169 -23.60 8.26 15.74
CA LYS A 169 -23.28 9.45 14.97
C LYS A 169 -23.46 9.22 13.48
N PHE A 170 -23.20 8.00 13.01
CA PHE A 170 -23.42 7.69 11.59
C PHE A 170 -24.90 7.75 11.25
N ASN A 171 -25.74 7.07 12.02
CA ASN A 171 -27.18 7.10 11.77
C ASN A 171 -27.73 8.51 11.80
N ALA A 172 -27.05 9.45 12.47
CA ALA A 172 -27.52 10.82 12.51
C ALA A 172 -27.66 11.40 11.10
N LEU A 173 -26.78 10.97 10.18
CA LEU A 173 -26.80 11.47 8.81
C LEU A 173 -28.03 11.03 8.04
N GLU A 174 -28.80 10.07 8.55
CA GLU A 174 -30.11 9.70 8.01
C GLU A 174 -30.01 9.24 6.56
N LEU A 175 -29.10 8.31 6.31
CA LEU A 175 -28.90 7.74 4.99
C LEU A 175 -29.88 6.59 4.74
N ASP A 176 -30.13 6.34 3.46
CA ASP A 176 -30.94 5.21 3.03
C ASP A 176 -30.07 4.23 2.25
N ASP A 177 -30.69 3.12 1.83
CA ASP A 177 -29.94 2.05 1.19
C ASP A 177 -29.26 2.52 -0.10
N SER A 178 -29.88 3.44 -0.84
CA SER A 178 -29.23 3.95 -2.04
C SER A 178 -27.94 4.69 -1.69
N ASP A 179 -27.99 5.53 -0.66
CA ASP A 179 -26.77 6.18 -0.19
C ASP A 179 -25.75 5.16 0.29
N ILE A 180 -26.18 4.27 1.19
CA ILE A 180 -25.26 3.31 1.80
C ILE A 180 -24.60 2.44 0.74
N SER A 181 -25.38 1.96 -0.22
CA SER A 181 -24.83 1.11 -1.28
C SER A 181 -23.59 1.76 -1.91
N LEU A 182 -23.75 2.99 -2.41
CA LEU A 182 -22.62 3.69 -3.00
C LEU A 182 -21.49 3.88 -2.00
N PHE A 183 -21.84 4.15 -0.73
CA PHE A 183 -20.83 4.29 0.31
C PHE A 183 -20.02 3.00 0.44
N VAL A 184 -20.72 1.86 0.57
CA VAL A 184 -20.04 0.59 0.69
C VAL A 184 -19.14 0.34 -0.52
N ALA A 185 -19.67 0.57 -1.72
CA ALA A 185 -18.86 0.39 -2.91
C ALA A 185 -17.59 1.22 -2.84
N ALA A 186 -17.70 2.48 -2.43
CA ALA A 186 -16.52 3.32 -2.29
C ALA A 186 -15.54 2.73 -1.28
N ILE A 187 -16.06 2.22 -0.15
CA ILE A 187 -15.20 1.58 0.84
C ILE A 187 -14.38 0.46 0.22
N ILE A 188 -14.95 -0.26 -0.75
CA ILE A 188 -14.21 -1.37 -1.34
C ILE A 188 -13.19 -0.86 -2.36
N CYS A 189 -13.56 0.17 -3.13
CA CYS A 189 -12.67 0.72 -4.16
C CYS A 189 -11.75 1.78 -3.58
N CYS A 190 -11.00 1.39 -2.55
CA CYS A 190 -10.08 2.29 -1.87
C CYS A 190 -8.70 2.18 -2.52
N GLY A 191 -8.20 3.31 -3.03
CA GLY A 191 -6.99 3.30 -3.82
C GLY A 191 -5.69 3.31 -3.05
N ASP A 192 -5.73 3.53 -1.73
CA ASP A 192 -4.52 3.58 -0.91
C ASP A 192 -4.45 2.38 0.04
N ARG A 193 -4.84 1.21 -0.45
CA ARG A 193 -4.71 0.04 0.39
C ARG A 193 -3.27 -0.47 0.35
N PRO A 194 -2.77 -1.02 1.46
CA PRO A 194 -1.39 -1.53 1.47
C PRO A 194 -1.20 -2.68 0.50
N GLY A 195 -0.21 -2.54 -0.37
CA GLY A 195 0.15 -3.61 -1.30
C GLY A 195 -0.55 -3.57 -2.63
N LEU A 196 -1.36 -2.54 -2.90
CA LEU A 196 -2.08 -2.46 -4.17
C LEU A 196 -1.09 -2.39 -5.32
N LEU A 197 -1.28 -3.27 -6.30
CA LEU A 197 -0.45 -3.25 -7.50
C LEU A 197 -0.81 -2.05 -8.37
N ASN A 198 -1.82 -2.21 -9.21
CA ASN A 198 -2.24 -1.15 -10.11
C ASN A 198 -2.90 0.00 -9.35
N VAL A 199 -2.11 0.73 -8.57
CA VAL A 199 -2.64 1.84 -7.79
C VAL A 199 -3.24 2.93 -8.68
N GLY A 200 -2.91 2.91 -9.96
CA GLY A 200 -3.43 3.90 -10.89
C GLY A 200 -4.80 3.57 -11.45
N HIS A 201 -5.03 2.30 -11.76
CA HIS A 201 -6.35 1.90 -12.28
C HIS A 201 -7.40 1.96 -11.18
N ILE A 202 -7.09 1.43 -9.99
CA ILE A 202 -8.05 1.45 -8.90
C ILE A 202 -8.41 2.89 -8.53
N GLU A 203 -7.42 3.78 -8.55
CA GLU A 203 -7.70 5.17 -8.20
C GLU A 203 -8.71 5.79 -9.16
N LYS A 204 -8.56 5.52 -10.45
CA LYS A 204 -9.56 5.98 -11.42
C LYS A 204 -10.93 5.38 -11.11
N MET A 205 -10.99 4.07 -10.88
CA MET A 205 -12.24 3.44 -10.50
C MET A 205 -12.80 4.06 -9.22
N GLN A 206 -11.92 4.32 -8.24
CA GLN A 206 -12.38 4.94 -6.99
C GLN A 206 -12.99 6.31 -7.25
N GLU A 207 -12.35 7.13 -8.09
CA GLU A 207 -12.89 8.45 -8.40
C GLU A 207 -14.26 8.35 -9.05
N GLY A 208 -14.42 7.39 -9.96
CA GLY A 208 -15.73 7.21 -10.59
C GLY A 208 -16.82 6.90 -9.58
N ILE A 209 -16.54 5.97 -8.67
CA ILE A 209 -17.50 5.65 -7.62
C ILE A 209 -17.74 6.86 -6.73
N VAL A 210 -16.66 7.45 -6.21
CA VAL A 210 -16.80 8.60 -5.32
C VAL A 210 -17.52 9.75 -6.02
N HIS A 211 -17.33 9.88 -7.34
CA HIS A 211 -18.03 10.94 -8.06
C HIS A 211 -19.54 10.73 -8.00
N VAL A 212 -20.00 9.53 -8.36
CA VAL A 212 -21.43 9.24 -8.33
C VAL A 212 -21.96 9.43 -6.91
N LEU A 213 -21.24 8.92 -5.91
CA LEU A 213 -21.66 9.11 -4.53
C LEU A 213 -21.89 10.59 -4.22
N ARG A 214 -20.93 11.43 -4.60
CA ARG A 214 -21.05 12.86 -4.32
C ARG A 214 -22.26 13.46 -5.03
N LEU A 215 -22.39 13.20 -6.33
CA LEU A 215 -23.54 13.73 -7.07
C LEU A 215 -24.85 13.17 -6.52
N HIS A 216 -24.84 11.90 -6.10
CA HIS A 216 -26.06 11.28 -5.57
C HIS A 216 -26.49 11.95 -4.27
N LEU A 217 -25.54 12.24 -3.38
CA LEU A 217 -25.89 12.90 -2.13
C LEU A 217 -26.39 14.32 -2.37
N GLN A 218 -25.73 15.07 -3.27
CA GLN A 218 -26.17 16.41 -3.58
C GLN A 218 -27.60 16.43 -4.13
N SER A 219 -28.05 15.31 -4.71
CA SER A 219 -29.40 15.22 -5.25
C SER A 219 -30.38 14.53 -4.30
N ASN A 220 -29.90 13.65 -3.42
CA ASN A 220 -30.77 12.95 -2.49
C ASN A 220 -30.89 13.65 -1.14
N HIS A 221 -30.03 14.63 -0.85
CA HIS A 221 -30.09 15.40 0.39
C HIS A 221 -29.67 16.84 0.09
N PRO A 222 -30.51 17.56 -0.67
CA PRO A 222 -30.13 18.93 -1.07
C PRO A 222 -30.01 19.89 0.09
N ASP A 223 -30.57 19.56 1.26
CA ASP A 223 -30.46 20.45 2.41
C ASP A 223 -29.12 20.29 3.12
N ASP A 224 -28.69 19.05 3.34
CA ASP A 224 -27.40 18.78 3.98
C ASP A 224 -26.32 18.90 2.91
N ILE A 225 -25.84 20.13 2.69
CA ILE A 225 -24.94 20.40 1.58
C ILE A 225 -23.53 19.87 1.82
N PHE A 226 -23.21 19.44 3.04
CA PHE A 226 -21.88 18.91 3.33
C PHE A 226 -21.93 17.43 3.72
N LEU A 227 -23.00 16.72 3.35
CA LEU A 227 -23.07 15.30 3.66
C LEU A 227 -21.91 14.54 3.03
N PHE A 228 -21.40 15.02 1.89
CA PHE A 228 -20.29 14.33 1.23
C PHE A 228 -19.03 14.34 2.09
N PRO A 229 -18.50 15.49 2.51
CA PRO A 229 -17.29 15.46 3.37
C PRO A 229 -17.52 14.71 4.67
N LYS A 230 -18.71 14.83 5.27
CA LYS A 230 -18.98 14.09 6.49
C LYS A 230 -18.76 12.59 6.28
N LEU A 231 -19.34 12.03 5.22
CA LEU A 231 -19.15 10.61 4.93
C LEU A 231 -17.66 10.29 4.75
N LEU A 232 -16.92 11.17 4.09
CA LEU A 232 -15.48 11.01 4.02
C LEU A 232 -14.87 10.87 5.41
N GLN A 233 -15.20 11.81 6.30
CA GLN A 233 -14.79 11.68 7.70
C GLN A 233 -15.14 10.30 8.24
N LYS A 234 -16.40 9.88 8.06
CA LYS A 234 -16.83 8.57 8.53
C LYS A 234 -15.95 7.46 7.96
N MET A 235 -15.50 7.60 6.71
CA MET A 235 -14.61 6.60 6.12
C MET A 235 -13.31 6.50 6.91
N ALA A 236 -12.73 7.65 7.27
CA ALA A 236 -11.54 7.64 8.11
C ALA A 236 -11.84 7.04 9.47
N ASP A 237 -13.02 7.37 10.03
CA ASP A 237 -13.41 6.81 11.31
C ASP A 237 -13.51 5.29 11.23
N LEU A 238 -14.10 4.77 10.15
CA LEU A 238 -14.24 3.33 10.01
C LEU A 238 -12.89 2.64 9.90
N ARG A 239 -11.93 3.25 9.17
CA ARG A 239 -10.61 2.66 9.07
C ARG A 239 -9.97 2.55 10.45
N GLN A 240 -10.01 3.64 11.22
CA GLN A 240 -9.52 3.58 12.59
C GLN A 240 -10.31 2.55 13.41
N LEU A 241 -11.63 2.49 13.20
CA LEU A 241 -12.47 1.56 13.96
C LEU A 241 -12.16 0.11 13.65
N VAL A 242 -11.74 -0.19 12.41
CA VAL A 242 -11.33 -1.54 12.06
C VAL A 242 -9.96 -1.85 12.65
N THR A 243 -9.04 -0.88 12.57
CA THR A 243 -7.70 -1.09 13.12
C THR A 243 -7.78 -1.52 14.58
N GLU A 244 -8.53 -0.78 15.39
CA GLU A 244 -8.67 -1.13 16.80
C GLU A 244 -9.38 -2.46 16.97
N HIS A 245 -10.39 -2.74 16.13
CA HIS A 245 -11.07 -4.03 16.18
C HIS A 245 -10.09 -5.16 15.89
N ALA A 246 -9.27 -5.01 14.84
CA ALA A 246 -8.28 -6.03 14.55
C ALA A 246 -7.29 -6.20 15.69
N GLN A 247 -6.97 -5.11 16.39
CA GLN A 247 -6.11 -5.22 17.57
C GLN A 247 -6.78 -6.05 18.66
N LEU A 248 -8.03 -5.73 18.99
CA LEU A 248 -8.76 -6.49 19.99
C LEU A 248 -9.00 -7.93 19.56
N VAL A 249 -9.00 -8.21 18.26
CA VAL A 249 -9.14 -9.58 17.79
C VAL A 249 -7.88 -10.39 18.11
N GLN A 250 -6.72 -9.76 17.98
CA GLN A 250 -5.46 -10.46 18.28
C GLN A 250 -5.39 -10.83 19.76
N ILE A 251 -5.81 -9.92 20.64
CA ILE A 251 -5.84 -10.22 22.06
C ILE A 251 -6.73 -11.43 22.33
N ILE A 252 -7.89 -11.50 21.66
CA ILE A 252 -8.81 -12.61 21.85
C ILE A 252 -8.25 -13.89 21.25
N LYS A 253 -7.48 -13.79 20.17
CA LYS A 253 -6.90 -14.98 19.57
C LYS A 253 -5.74 -15.52 20.39
N LYS A 254 -5.11 -14.69 21.24
CA LYS A 254 -3.93 -15.08 21.97
C LYS A 254 -4.15 -15.26 23.47
N THR A 255 -5.27 -14.79 24.01
CA THR A 255 -5.54 -14.91 25.44
C THR A 255 -6.70 -15.83 25.77
N GLU A 256 -7.65 -16.02 24.85
CA GLU A 256 -8.80 -16.89 25.06
C GLU A 256 -8.50 -18.24 24.41
N SER A 257 -8.33 -19.27 25.24
CA SER A 257 -7.93 -20.57 24.73
C SER A 257 -9.08 -21.31 24.05
N ASP A 258 -10.32 -21.03 24.44
CA ASP A 258 -11.49 -21.70 23.89
C ASP A 258 -12.12 -20.94 22.73
N ALA A 259 -11.51 -19.84 22.29
CA ALA A 259 -12.02 -19.03 21.19
C ALA A 259 -11.12 -19.24 19.98
N ALA A 260 -11.64 -19.89 18.96
CA ALA A 260 -10.90 -20.21 17.74
C ALA A 260 -11.46 -19.40 16.59
N LEU A 261 -10.57 -18.72 15.86
CA LEU A 261 -10.99 -17.91 14.73
C LEU A 261 -11.36 -18.79 13.55
N HIS A 262 -12.24 -18.25 12.69
CA HIS A 262 -12.64 -18.99 11.51
C HIS A 262 -11.52 -18.90 10.46
N PRO A 263 -11.34 -19.96 9.66
CA PRO A 263 -10.26 -19.90 8.64
C PRO A 263 -10.34 -18.69 7.75
N LEU A 264 -11.54 -18.39 7.22
CA LEU A 264 -11.68 -17.23 6.35
C LEU A 264 -11.42 -15.94 7.11
N LEU A 265 -11.81 -15.88 8.38
CA LEU A 265 -11.57 -14.68 9.18
C LEU A 265 -10.12 -14.57 9.57
N GLN A 266 -9.49 -15.68 9.95
CA GLN A 266 -8.07 -15.64 10.28
C GLN A 266 -7.22 -15.27 9.07
N GLU A 267 -7.70 -15.60 7.86
CA GLU A 267 -6.94 -15.28 6.65
C GLU A 267 -6.93 -13.79 6.37
N ILE A 268 -7.99 -13.08 6.73
CA ILE A 268 -8.09 -11.65 6.42
C ILE A 268 -7.24 -10.83 7.39
N TYR A 269 -7.32 -11.13 8.68
CA TYR A 269 -6.49 -10.42 9.65
C TYR A 269 -5.00 -10.75 9.50
N ARG A 270 -4.68 -11.84 8.81
CA ARG A 270 -3.29 -12.28 8.64
C ARG A 270 -2.42 -11.16 8.10
N ASP A 271 -1.66 -10.51 8.99
CA ASP A 271 -0.75 -9.43 8.62
C ASP A 271 -1.50 -8.20 8.12
N MET A 272 -2.68 -7.94 8.69
CA MET A 272 -3.48 -6.79 8.30
C MET A 272 -2.82 -5.50 8.76
N TYR A 273 -3.13 -5.09 9.99
CA TYR A 273 -2.53 -3.88 10.56
C TYR A 273 -1.52 -4.23 11.64
N HIS B 5 -2.99 -16.52 1.38
CA HIS B 5 -4.43 -16.74 1.29
C HIS B 5 -4.74 -17.92 0.39
N LYS B 6 -5.99 -18.39 0.43
CA LYS B 6 -6.47 -19.42 -0.48
C LYS B 6 -7.96 -19.23 -0.73
N ILE B 7 -8.72 -18.94 0.32
CA ILE B 7 -10.11 -18.55 0.17
C ILE B 7 -10.12 -17.18 -0.48
N LEU B 8 -11.30 -16.56 -0.57
CA LEU B 8 -11.42 -15.30 -1.31
C LEU B 8 -11.13 -15.54 -2.79
N HIS B 9 -9.85 -15.75 -3.13
CA HIS B 9 -9.49 -16.10 -4.50
C HIS B 9 -10.25 -17.33 -4.96
N ARG B 10 -10.48 -18.28 -4.05
CA ARG B 10 -11.36 -19.40 -4.36
C ARG B 10 -12.79 -18.94 -4.61
N LEU B 11 -13.15 -17.76 -4.11
CA LEU B 11 -14.46 -17.16 -4.31
C LEU B 11 -14.50 -16.29 -5.56
N LEU B 12 -13.52 -15.38 -5.69
CA LEU B 12 -13.45 -14.52 -6.86
C LEU B 12 -13.51 -15.33 -8.15
N GLN B 13 -12.90 -16.51 -8.16
CA GLN B 13 -12.96 -17.41 -9.32
C GLN B 13 -14.31 -18.14 -9.31
N GLU B 14 -15.35 -17.39 -9.65
CA GLU B 14 -16.70 -17.94 -9.68
C GLU B 14 -17.38 -17.66 -11.02
N THR C 5 -2.66 14.31 4.81
CA THR C 5 -3.47 14.97 3.78
C THR C 5 -4.06 13.93 2.82
N ALA C 6 -4.82 14.40 1.84
CA ALA C 6 -5.42 13.54 0.82
C ALA C 6 -4.75 13.64 -0.53
N ASP C 7 -4.44 14.86 -0.99
CA ASP C 7 -3.72 15.03 -2.24
C ASP C 7 -2.25 14.67 -2.08
N LEU C 8 -1.59 15.22 -1.05
CA LEU C 8 -0.17 14.94 -0.84
C LEU C 8 0.06 13.46 -0.61
N LYS C 9 -0.83 12.80 0.13
CA LYS C 9 -0.68 11.38 0.37
C LYS C 9 -0.97 10.54 -0.88
N SER C 10 -1.68 11.12 -1.85
CA SER C 10 -1.98 10.42 -3.10
C SER C 10 -0.86 10.61 -4.12
N LEU C 11 -0.31 11.82 -4.21
CA LEU C 11 0.81 12.06 -5.12
C LEU C 11 1.99 11.14 -4.80
N ALA C 12 2.22 10.87 -3.52
CA ALA C 12 3.30 9.96 -3.14
C ALA C 12 3.05 8.55 -3.69
N LYS C 13 1.82 8.05 -3.52
CA LYS C 13 1.49 6.73 -4.04
C LYS C 13 1.71 6.68 -5.55
N ARG C 14 1.40 7.77 -6.26
CA ARG C 14 1.64 7.82 -7.69
C ARG C 14 3.12 7.67 -8.01
N ILE C 15 3.95 8.53 -7.42
CA ILE C 15 5.40 8.39 -7.57
C ILE C 15 5.84 7.01 -7.10
N TYR C 16 5.14 6.45 -6.12
CA TYR C 16 5.47 5.10 -5.68
C TYR C 16 5.19 4.09 -6.79
N GLU C 17 4.03 4.19 -7.43
CA GLU C 17 3.65 3.24 -8.47
C GLU C 17 4.67 3.23 -9.61
N ALA C 18 5.08 4.42 -10.06
CA ALA C 18 6.10 4.49 -11.11
C ALA C 18 7.36 3.76 -10.68
N TYR C 19 7.84 4.04 -9.46
CA TYR C 19 9.03 3.38 -8.95
C TYR C 19 8.91 1.87 -9.08
N LEU C 20 7.74 1.33 -8.78
CA LEU C 20 7.51 -0.11 -8.96
C LEU C 20 7.36 -0.46 -10.44
N LYS C 21 6.75 0.43 -11.24
CA LYS C 21 6.49 0.16 -12.64
C LYS C 21 7.58 0.69 -13.56
N ASN C 22 8.85 0.66 -13.13
CA ASN C 22 9.95 1.13 -13.96
C ASN C 22 11.26 0.48 -13.56
N PHE C 23 11.38 0.08 -12.29
CA PHE C 23 12.58 -0.56 -11.78
C PHE C 23 12.27 -2.00 -11.43
N ASN C 24 12.95 -2.94 -12.10
CA ASN C 24 12.66 -4.35 -11.91
C ASN C 24 13.03 -4.87 -10.54
N MET C 25 13.97 -4.22 -9.86
CA MET C 25 14.46 -4.67 -8.56
C MET C 25 14.19 -3.59 -7.54
N ASN C 26 13.48 -3.94 -6.48
CA ASN C 26 13.15 -3.04 -5.39
C ASN C 26 13.68 -3.60 -4.08
N LYS C 27 13.64 -2.78 -3.03
CA LYS C 27 14.19 -3.20 -1.75
C LYS C 27 13.38 -4.33 -1.13
N VAL C 28 12.08 -4.41 -1.45
CA VAL C 28 11.26 -5.51 -0.93
C VAL C 28 11.76 -6.84 -1.49
N LYS C 29 11.91 -6.91 -2.83
CA LYS C 29 12.38 -8.15 -3.45
C LYS C 29 13.78 -8.51 -2.97
N ALA C 30 14.66 -7.51 -2.83
CA ALA C 30 16.03 -7.77 -2.43
C ALA C 30 16.09 -8.40 -1.04
N ARG C 31 15.33 -7.87 -0.09
CA ARG C 31 15.40 -8.39 1.27
C ARG C 31 14.80 -9.78 1.38
N VAL C 32 13.78 -10.08 0.57
CA VAL C 32 13.22 -11.43 0.56
C VAL C 32 14.28 -12.44 0.11
N ILE C 33 15.11 -12.06 -0.86
CA ILE C 33 16.11 -12.98 -1.38
C ILE C 33 17.23 -13.19 -0.39
N LEU C 34 17.55 -12.18 0.42
CA LEU C 34 18.65 -12.26 1.36
C LEU C 34 18.30 -12.97 2.65
N SER C 35 17.06 -13.44 2.80
CA SER C 35 16.64 -14.05 4.05
C SER C 35 16.03 -15.43 3.83
N GLY C 36 14.75 -15.58 4.18
CA GLY C 36 14.04 -16.82 3.99
C GLY C 36 12.79 -16.65 3.15
N LYS C 37 11.69 -17.28 3.57
CA LYS C 37 10.41 -17.19 2.86
C LYS C 37 10.56 -17.53 1.38
N ALA C 38 11.67 -18.17 1.02
CA ALA C 38 11.99 -18.58 -0.35
C ALA C 38 13.51 -18.58 -0.52
N SER C 39 14.09 -19.74 -0.84
CA SER C 39 13.34 -20.97 -1.00
C SER C 39 14.27 -22.16 -0.93
N ASN C 40 15.23 -22.10 -0.01
CA ASN C 40 16.29 -23.11 0.12
C ASN C 40 17.24 -23.08 -1.06
N ASN C 41 17.02 -22.19 -2.03
CA ASN C 41 17.83 -22.10 -3.25
C ASN C 41 18.43 -20.71 -3.32
N PRO C 42 19.53 -20.47 -2.62
CA PRO C 42 20.14 -19.14 -2.61
C PRO C 42 20.74 -18.79 -3.96
N PRO C 43 21.01 -17.52 -4.21
CA PRO C 43 21.61 -17.12 -5.49
C PRO C 43 23.01 -17.70 -5.64
N PHE C 44 23.51 -17.65 -6.86
CA PHE C 44 24.86 -18.11 -7.12
C PHE C 44 25.85 -17.07 -6.59
N VAL C 45 26.88 -17.54 -5.88
CA VAL C 45 27.84 -16.66 -5.22
C VAL C 45 29.09 -16.53 -6.09
N ILE C 46 29.54 -15.30 -6.28
CA ILE C 46 30.74 -15.00 -7.05
C ILE C 46 31.80 -14.51 -6.06
N HIS C 47 32.84 -15.32 -5.85
CA HIS C 47 33.85 -15.02 -4.85
C HIS C 47 35.28 -15.21 -5.34
N ASP C 48 35.48 -15.65 -6.58
CA ASP C 48 36.81 -15.83 -7.13
C ASP C 48 36.70 -15.84 -8.65
N MET C 49 37.84 -16.05 -9.31
CA MET C 49 37.84 -16.11 -10.77
C MET C 49 37.09 -17.33 -11.27
N GLU C 50 37.11 -18.44 -10.52
CA GLU C 50 36.41 -19.65 -10.94
C GLU C 50 34.93 -19.37 -11.16
N THR C 51 34.25 -18.87 -10.13
CA THR C 51 32.80 -18.66 -10.21
C THR C 51 32.43 -17.56 -11.19
N LEU C 52 33.26 -16.53 -11.31
CA LEU C 52 32.93 -15.43 -12.22
C LEU C 52 32.77 -15.93 -13.65
N CYS C 53 33.76 -16.64 -14.16
CA CYS C 53 33.65 -17.18 -15.52
C CYS C 53 32.46 -18.12 -15.65
N MET C 54 32.19 -18.91 -14.62
CA MET C 54 30.99 -19.74 -14.63
C MET C 54 29.75 -18.92 -14.88
N ALA C 55 29.64 -17.75 -14.23
CA ALA C 55 28.50 -16.88 -14.47
C ALA C 55 28.57 -16.24 -15.85
N GLU C 56 29.78 -16.05 -16.39
CA GLU C 56 29.92 -15.53 -17.75
C GLU C 56 29.50 -16.57 -18.79
N LYS C 57 29.55 -17.86 -18.44
CA LYS C 57 29.30 -18.92 -19.40
C LYS C 57 27.80 -19.03 -19.70
N THR C 58 27.01 -18.16 -19.08
CA THR C 58 25.57 -18.11 -19.25
C THR C 58 25.14 -16.75 -19.80
N LEU C 59 25.96 -16.17 -20.68
CA LEU C 59 25.62 -14.89 -21.31
C LEU C 59 26.48 -14.60 -22.54
N ASN C 70 37.79 -12.67 -24.89
CA ASN C 70 38.31 -12.94 -23.55
C ASN C 70 39.36 -11.90 -23.14
N LYS C 71 38.89 -10.81 -22.55
CA LYS C 71 39.78 -9.73 -22.11
C LYS C 71 40.11 -9.94 -20.63
N GLU C 72 40.75 -8.94 -20.01
CA GLU C 72 41.08 -9.04 -18.61
C GLU C 72 39.81 -9.00 -17.76
N ALA C 73 39.84 -9.72 -16.64
CA ALA C 73 38.64 -9.86 -15.82
C ALA C 73 38.05 -8.51 -15.45
N GLU C 74 38.86 -7.63 -14.86
CA GLU C 74 38.36 -6.34 -14.41
C GLU C 74 37.64 -5.60 -15.54
N VAL C 75 38.14 -5.71 -16.76
CA VAL C 75 37.51 -4.98 -17.86
C VAL C 75 36.17 -5.59 -18.20
N ARG C 76 36.08 -6.91 -18.20
CA ARG C 76 34.81 -7.58 -18.47
C ARG C 76 33.75 -7.13 -17.47
N ILE C 77 34.04 -7.28 -16.18
CA ILE C 77 33.11 -6.83 -15.15
C ILE C 77 32.77 -5.38 -15.38
N PHE C 78 33.79 -4.56 -15.62
CA PHE C 78 33.57 -3.13 -15.82
C PHE C 78 32.56 -2.86 -16.92
N HIS C 79 32.46 -3.74 -17.91
CA HIS C 79 31.53 -3.56 -19.01
C HIS C 79 30.14 -4.08 -18.69
N CYS C 80 30.04 -5.17 -17.92
CA CYS C 80 28.74 -5.60 -17.43
C CYS C 80 28.05 -4.47 -16.68
N CYS C 81 28.72 -3.93 -15.65
CA CYS C 81 28.17 -2.82 -14.90
C CYS C 81 27.84 -1.64 -15.79
N GLN C 82 28.57 -1.48 -16.89
CA GLN C 82 28.30 -0.36 -17.79
C GLN C 82 26.97 -0.54 -18.51
N CYS C 83 26.62 -1.79 -18.84
CA CYS C 83 25.35 -2.04 -19.51
C CYS C 83 24.18 -1.95 -18.55
N THR C 84 24.37 -2.33 -17.29
CA THR C 84 23.31 -2.18 -16.30
C THR C 84 23.08 -0.72 -15.95
N SER C 85 24.13 0.11 -16.04
CA SER C 85 23.97 1.54 -15.79
C SER C 85 23.18 2.21 -16.91
N VAL C 86 23.23 1.65 -18.12
CA VAL C 86 22.40 2.17 -19.20
C VAL C 86 20.94 1.82 -18.96
N GLU C 87 20.66 0.56 -18.65
CA GLU C 87 19.30 0.17 -18.29
C GLU C 87 18.76 1.06 -17.19
N THR C 88 19.55 1.30 -16.15
CA THR C 88 19.10 2.13 -15.03
C THR C 88 18.79 3.55 -15.50
N VAL C 89 19.72 4.14 -16.26
CA VAL C 89 19.49 5.50 -16.76
C VAL C 89 18.23 5.55 -17.62
N THR C 90 17.97 4.47 -18.37
CA THR C 90 16.74 4.43 -19.16
C THR C 90 15.52 4.34 -18.26
N GLU C 91 15.51 3.39 -17.32
CA GLU C 91 14.39 3.27 -16.40
C GLU C 91 14.15 4.58 -15.65
N LEU C 92 15.23 5.26 -15.23
CA LEU C 92 15.08 6.54 -14.55
C LEU C 92 14.43 7.59 -15.44
N THR C 93 14.66 7.52 -16.74
CA THR C 93 14.03 8.47 -17.66
C THR C 93 12.53 8.26 -17.72
N GLU C 94 12.09 7.00 -17.74
CA GLU C 94 10.66 6.72 -17.65
C GLU C 94 10.11 7.15 -16.30
N PHE C 95 10.88 6.92 -15.23
CA PHE C 95 10.43 7.32 -13.90
C PHE C 95 10.28 8.84 -13.79
N ALA C 96 11.17 9.58 -14.47
CA ALA C 96 11.11 11.03 -14.38
C ALA C 96 9.85 11.58 -15.06
N LYS C 97 9.42 10.94 -16.17
CA LYS C 97 8.22 11.40 -16.84
C LYS C 97 6.97 11.16 -15.99
N ALA C 98 6.99 10.14 -15.13
CA ALA C 98 5.87 9.90 -14.23
C ALA C 98 5.74 10.98 -13.16
N ILE C 99 6.78 11.77 -12.94
CA ILE C 99 6.73 12.86 -11.98
C ILE C 99 5.91 13.99 -12.58
N PRO C 100 4.84 14.42 -11.94
CA PRO C 100 4.05 15.55 -12.47
C PRO C 100 4.90 16.81 -12.57
N GLY C 101 4.85 17.45 -13.73
CA GLY C 101 5.60 18.66 -13.99
C GLY C 101 6.90 18.44 -14.74
N PHE C 102 7.44 17.22 -14.74
CA PHE C 102 8.70 16.96 -15.42
C PHE C 102 8.53 17.03 -16.93
N ALA C 103 7.56 16.29 -17.47
CA ALA C 103 7.31 16.31 -18.91
C ALA C 103 7.00 17.72 -19.42
N ASN C 104 6.51 18.59 -18.54
CA ASN C 104 6.19 19.96 -18.93
C ASN C 104 7.41 20.89 -18.93
N LEU C 105 8.51 20.47 -18.33
CA LEU C 105 9.73 21.27 -18.34
C LEU C 105 10.33 21.32 -19.74
N ASP C 106 11.34 22.18 -19.90
CA ASP C 106 12.04 22.26 -21.17
C ASP C 106 12.90 21.03 -21.38
N LEU C 107 12.97 20.57 -22.64
CA LEU C 107 13.74 19.37 -22.94
C LEU C 107 15.20 19.51 -22.53
N ASN C 108 15.72 20.74 -22.51
CA ASN C 108 17.09 20.97 -22.09
C ASN C 108 17.24 20.93 -20.57
N ASP C 109 16.19 21.29 -19.84
CA ASP C 109 16.22 21.15 -18.39
C ASP C 109 16.04 19.70 -17.96
N GLN C 110 15.28 18.91 -18.73
CA GLN C 110 15.10 17.50 -18.40
C GLN C 110 16.41 16.73 -18.55
N VAL C 111 17.20 17.07 -19.57
CA VAL C 111 18.48 16.39 -19.75
C VAL C 111 19.45 16.77 -18.65
N THR C 112 19.54 18.08 -18.34
CA THR C 112 20.43 18.51 -17.26
C THR C 112 20.04 17.86 -15.95
N LEU C 113 18.74 17.81 -15.64
CA LEU C 113 18.29 17.14 -14.42
C LEU C 113 18.69 15.67 -14.43
N LEU C 114 18.31 14.93 -15.48
CA LEU C 114 18.75 13.55 -15.60
C LEU C 114 20.25 13.44 -15.77
N LYS C 115 20.93 14.55 -16.13
CA LYS C 115 22.37 14.52 -16.32
C LYS C 115 23.09 14.30 -14.99
N TYR C 116 22.80 15.15 -13.99
CA TYR C 116 23.49 15.10 -12.72
C TYR C 116 22.78 14.21 -11.68
N GLY C 117 21.55 13.80 -11.95
CA GLY C 117 20.77 13.09 -10.95
C GLY C 117 20.75 11.58 -11.09
N VAL C 118 21.00 11.07 -12.31
CA VAL C 118 20.88 9.64 -12.56
C VAL C 118 21.81 8.86 -11.63
N TYR C 119 23.09 9.24 -11.60
CA TYR C 119 24.04 8.48 -10.79
C TYR C 119 23.73 8.60 -9.30
N GLU C 120 23.28 9.77 -8.85
CA GLU C 120 22.89 9.91 -7.46
C GLU C 120 21.75 8.96 -7.10
N ALA C 121 20.82 8.73 -8.02
CA ALA C 121 19.76 7.77 -7.78
C ALA C 121 20.25 6.34 -7.94
N ILE C 122 21.10 6.09 -8.94
CA ILE C 122 21.62 4.74 -9.17
C ILE C 122 22.28 4.21 -7.91
N PHE C 123 23.06 5.06 -7.22
CA PHE C 123 23.75 4.61 -6.01
C PHE C 123 22.80 4.54 -4.81
N ALA C 124 21.83 5.46 -4.73
CA ALA C 124 20.82 5.37 -3.69
C ALA C 124 20.07 4.05 -3.79
N MET C 125 19.52 3.75 -4.98
CA MET C 125 18.82 2.49 -5.17
C MET C 125 19.76 1.30 -5.08
N LEU C 126 21.04 1.48 -5.44
CA LEU C 126 21.99 0.38 -5.37
C LEU C 126 22.08 -0.17 -3.95
N SER C 127 21.88 0.68 -2.94
CA SER C 127 21.92 0.21 -1.56
C SER C 127 20.87 -0.86 -1.29
N SER C 128 19.75 -0.82 -2.01
CA SER C 128 18.69 -1.79 -1.79
C SER C 128 19.15 -3.22 -1.98
N VAL C 129 20.24 -3.43 -2.73
CA VAL C 129 20.69 -4.77 -3.08
C VAL C 129 22.06 -5.08 -2.46
N MET C 130 22.46 -4.36 -1.42
CA MET C 130 23.77 -4.52 -0.83
C MET C 130 23.66 -4.83 0.65
N ASN C 131 24.60 -5.64 1.14
CA ASN C 131 24.76 -5.87 2.56
C ASN C 131 26.25 -5.85 2.88
N LYS C 132 26.60 -6.01 4.15
CA LYS C 132 28.00 -5.88 4.53
C LYS C 132 28.90 -6.89 3.83
N ASP C 133 28.34 -7.90 3.16
CA ASP C 133 29.14 -8.92 2.49
C ASP C 133 29.17 -8.79 0.98
N GLY C 134 28.11 -8.29 0.36
CA GLY C 134 28.09 -8.18 -1.08
C GLY C 134 26.77 -7.62 -1.56
N MET C 135 26.56 -7.68 -2.88
CA MET C 135 25.38 -7.12 -3.51
C MET C 135 24.79 -8.12 -4.49
N LEU C 136 23.47 -8.08 -4.61
CA LEU C 136 22.77 -8.91 -5.58
C LEU C 136 22.95 -8.36 -6.98
N VAL C 137 23.20 -9.25 -7.94
CA VAL C 137 23.37 -8.90 -9.33
C VAL C 137 22.48 -9.81 -10.17
N ALA C 138 22.48 -9.57 -11.48
CA ALA C 138 21.72 -10.38 -12.43
C ALA C 138 20.24 -10.42 -12.05
N TYR C 139 19.65 -9.23 -11.88
CA TYR C 139 18.22 -9.10 -11.64
C TYR C 139 17.78 -9.96 -10.45
N GLY C 140 18.63 -10.02 -9.43
CA GLY C 140 18.32 -10.71 -8.19
C GLY C 140 18.80 -12.15 -8.11
N ASN C 141 19.34 -12.70 -9.21
CA ASN C 141 19.72 -14.11 -9.24
C ASN C 141 21.17 -14.34 -8.84
N GLY C 142 22.00 -13.31 -8.79
CA GLY C 142 23.40 -13.47 -8.46
C GLY C 142 23.82 -12.69 -7.23
N PHE C 143 24.94 -13.09 -6.62
CA PHE C 143 25.47 -12.37 -5.48
C PHE C 143 26.99 -12.46 -5.51
N ILE C 144 27.65 -11.31 -5.66
CA ILE C 144 29.10 -11.23 -5.71
C ILE C 144 29.60 -10.66 -4.40
N THR C 145 30.65 -11.27 -3.85
CA THR C 145 31.13 -10.91 -2.53
C THR C 145 31.84 -9.56 -2.56
N ARG C 146 31.81 -8.87 -1.42
CA ARG C 146 32.51 -7.59 -1.32
C ARG C 146 34.02 -7.78 -1.32
N GLU C 147 34.51 -8.88 -0.73
CA GLU C 147 35.94 -9.14 -0.71
C GLU C 147 36.48 -9.46 -2.10
N PHE C 148 35.65 -10.05 -2.96
CA PHE C 148 36.08 -10.32 -4.33
C PHE C 148 36.40 -9.01 -5.06
N LEU C 149 35.46 -8.07 -5.07
CA LEU C 149 35.75 -6.76 -5.63
C LEU C 149 36.89 -6.08 -4.90
N LYS C 150 37.12 -6.44 -3.64
CA LYS C 150 38.22 -5.89 -2.86
C LYS C 150 39.57 -6.42 -3.31
N SER C 151 39.61 -7.45 -4.15
CA SER C 151 40.84 -8.10 -4.57
C SER C 151 41.12 -7.93 -6.05
N LEU C 152 40.39 -7.06 -6.74
CA LEU C 152 40.69 -6.75 -8.13
C LEU C 152 41.83 -5.75 -8.20
N ARG C 153 42.54 -5.75 -9.33
CA ARG C 153 43.67 -4.86 -9.50
C ARG C 153 43.20 -3.41 -9.58
N LYS C 154 43.95 -2.52 -8.95
CA LYS C 154 43.60 -1.11 -8.96
C LYS C 154 43.54 -0.60 -10.40
N PRO C 155 42.68 0.40 -10.68
CA PRO C 155 41.81 1.08 -9.72
C PRO C 155 40.42 0.48 -9.62
N PHE C 156 40.22 -0.71 -10.21
CA PHE C 156 38.90 -1.32 -10.23
C PHE C 156 38.42 -1.65 -8.81
N CYS C 157 39.29 -2.25 -8.01
CA CYS C 157 38.92 -2.61 -6.64
C CYS C 157 38.49 -1.41 -5.82
N ASP C 158 38.84 -0.20 -6.24
CA ASP C 158 38.51 1.01 -5.51
C ASP C 158 37.18 1.62 -5.95
N ILE C 159 36.41 0.93 -6.79
CA ILE C 159 35.17 1.48 -7.33
C ILE C 159 34.00 1.13 -6.40
N MET C 160 33.72 -0.16 -6.25
CA MET C 160 32.55 -0.58 -5.48
C MET C 160 32.72 -0.31 -3.99
N GLU C 161 33.93 -0.46 -3.45
CA GLU C 161 34.13 -0.28 -2.02
C GLU C 161 33.51 1.01 -1.49
N PRO C 162 33.74 2.19 -2.10
CA PRO C 162 33.10 3.40 -1.59
C PRO C 162 31.59 3.31 -1.54
N LYS C 163 30.97 2.68 -2.55
CA LYS C 163 29.52 2.57 -2.57
C LYS C 163 29.01 1.71 -1.43
N PHE C 164 29.72 0.61 -1.13
CA PHE C 164 29.36 -0.19 0.05
C PHE C 164 29.31 0.67 1.30
N ASP C 165 30.28 1.56 1.48
CA ASP C 165 30.26 2.47 2.62
C ASP C 165 28.94 3.23 2.70
N PHE C 166 28.52 3.80 1.57
CA PHE C 166 27.27 4.55 1.56
C PHE C 166 26.09 3.65 1.91
N ALA C 167 25.98 2.51 1.22
CA ALA C 167 24.82 1.64 1.40
C ALA C 167 24.68 1.16 2.84
N MET C 168 25.80 0.80 3.47
CA MET C 168 25.73 0.28 4.84
C MET C 168 25.09 1.30 5.78
N LYS C 169 25.54 2.55 5.73
CA LYS C 169 24.95 3.58 6.56
C LYS C 169 23.57 3.98 6.05
N PHE C 170 23.44 4.16 4.74
CA PHE C 170 22.14 4.50 4.17
C PHE C 170 21.09 3.44 4.53
N ASN C 171 21.47 2.15 4.46
CA ASN C 171 20.56 1.10 4.86
C ASN C 171 20.25 1.13 6.34
N ALA C 172 21.11 1.75 7.15
CA ALA C 172 20.82 1.88 8.57
C ALA C 172 19.55 2.69 8.83
N LEU C 173 19.16 3.54 7.88
CA LEU C 173 17.93 4.31 8.01
C LEU C 173 16.66 3.47 7.89
N GLU C 174 16.79 2.22 7.42
CA GLU C 174 15.65 1.30 7.35
C GLU C 174 14.51 1.87 6.51
N LEU C 175 14.83 2.33 5.31
CA LEU C 175 13.83 2.85 4.40
C LEU C 175 13.17 1.71 3.62
N ASP C 176 11.95 1.95 3.17
CA ASP C 176 11.22 0.99 2.35
C ASP C 176 11.13 1.50 0.92
N ASP C 177 10.42 0.75 0.08
CA ASP C 177 10.28 1.17 -1.31
C ASP C 177 9.44 2.43 -1.46
N SER C 178 8.47 2.63 -0.56
CA SER C 178 7.67 3.85 -0.62
C SER C 178 8.51 5.08 -0.33
N ASP C 179 9.44 4.99 0.63
CA ASP C 179 10.31 6.11 0.94
C ASP C 179 11.29 6.37 -0.20
N ILE C 180 11.98 5.31 -0.65
CA ILE C 180 13.01 5.47 -1.67
C ILE C 180 12.43 6.11 -2.93
N SER C 181 11.21 5.73 -3.29
CA SER C 181 10.56 6.33 -4.46
C SER C 181 10.53 7.84 -4.34
N LEU C 182 10.11 8.36 -3.19
CA LEU C 182 10.08 9.81 -2.98
C LEU C 182 11.48 10.38 -2.89
N PHE C 183 12.44 9.61 -2.37
CA PHE C 183 13.83 10.09 -2.28
C PHE C 183 14.44 10.23 -3.67
N VAL C 184 14.27 9.21 -4.53
CA VAL C 184 14.82 9.28 -5.88
C VAL C 184 14.22 10.45 -6.65
N ALA C 185 12.89 10.62 -6.56
CA ALA C 185 12.26 11.76 -7.21
C ALA C 185 12.87 13.07 -6.73
N ALA C 186 13.18 13.17 -5.44
CA ALA C 186 13.79 14.38 -4.91
C ALA C 186 15.17 14.62 -5.48
N ILE C 187 15.91 13.55 -5.78
CA ILE C 187 17.25 13.71 -6.34
C ILE C 187 17.17 14.23 -7.77
N ILE C 188 16.16 13.78 -8.52
CA ILE C 188 15.97 14.27 -9.89
C ILE C 188 15.50 15.72 -9.89
N CYS C 189 14.77 16.13 -8.87
CA CYS C 189 14.23 17.49 -8.80
C CYS C 189 15.11 18.36 -7.91
N CYS C 190 16.27 18.74 -8.44
CA CYS C 190 17.19 19.65 -7.79
C CYS C 190 17.35 20.89 -8.66
N GLY C 191 17.06 22.05 -8.10
CA GLY C 191 17.08 23.31 -8.82
C GLY C 191 18.44 23.97 -8.93
N ASP C 192 19.48 23.38 -8.36
CA ASP C 192 20.83 23.93 -8.42
C ASP C 192 21.73 23.12 -9.34
N ARG C 193 21.17 22.52 -10.38
CA ARG C 193 21.96 21.77 -11.34
C ARG C 193 22.59 22.73 -12.35
N PRO C 194 23.88 22.60 -12.64
CA PRO C 194 24.51 23.51 -13.60
C PRO C 194 23.87 23.37 -14.98
N GLY C 195 23.51 24.51 -15.57
CA GLY C 195 22.93 24.53 -16.89
C GLY C 195 21.41 24.54 -16.93
N LEU C 196 20.74 24.95 -15.86
CA LEU C 196 19.29 25.00 -15.82
C LEU C 196 18.78 26.32 -16.37
N LEU C 197 17.73 26.23 -17.20
CA LEU C 197 17.14 27.43 -17.80
C LEU C 197 16.11 28.06 -16.87
N ASN C 198 14.97 27.40 -16.69
CA ASN C 198 13.90 27.92 -15.82
C ASN C 198 14.12 27.42 -14.39
N VAL C 199 15.18 27.94 -13.77
CA VAL C 199 15.52 27.53 -12.41
C VAL C 199 14.38 27.85 -11.45
N GLY C 200 13.60 28.89 -11.73
CA GLY C 200 12.53 29.26 -10.82
C GLY C 200 11.41 28.23 -10.79
N HIS C 201 11.08 27.66 -11.96
CA HIS C 201 10.01 26.68 -12.03
C HIS C 201 10.42 25.33 -11.46
N ILE C 202 11.70 24.98 -11.54
CA ILE C 202 12.15 23.70 -11.01
C ILE C 202 12.08 23.70 -9.49
N GLU C 203 12.55 24.78 -8.86
CA GLU C 203 12.51 24.84 -7.40
C GLU C 203 11.09 24.70 -6.87
N LYS C 204 10.09 25.16 -7.63
CA LYS C 204 8.71 24.97 -7.20
C LYS C 204 8.34 23.50 -7.15
N MET C 205 8.97 22.66 -7.99
CA MET C 205 8.72 21.23 -7.95
C MET C 205 9.46 20.58 -6.79
N GLN C 206 10.75 20.90 -6.62
CA GLN C 206 11.51 20.33 -5.52
C GLN C 206 10.87 20.66 -4.17
N GLU C 207 10.32 21.87 -4.04
CA GLU C 207 9.63 22.23 -2.82
C GLU C 207 8.42 21.33 -2.57
N GLY C 208 7.58 21.16 -3.60
CA GLY C 208 6.41 20.32 -3.44
C GLY C 208 6.79 18.86 -3.18
N ILE C 209 7.78 18.35 -3.90
CA ILE C 209 8.20 16.97 -3.70
C ILE C 209 8.74 16.79 -2.28
N VAL C 210 9.66 17.67 -1.87
CA VAL C 210 10.21 17.60 -0.52
C VAL C 210 9.09 17.70 0.52
N HIS C 211 8.12 18.60 0.28
CA HIS C 211 6.98 18.71 1.17
C HIS C 211 6.24 17.38 1.32
N VAL C 212 6.30 16.54 0.29
CA VAL C 212 5.65 15.23 0.38
C VAL C 212 6.56 14.23 1.07
N LEU C 213 7.86 14.24 0.74
CA LEU C 213 8.81 13.34 1.39
C LEU C 213 8.77 13.52 2.90
N ARG C 214 8.81 14.76 3.38
CA ARG C 214 8.80 15.01 4.82
C ARG C 214 7.56 14.40 5.46
N LEU C 215 6.38 14.80 4.99
CA LEU C 215 5.14 14.29 5.58
C LEU C 215 5.04 12.77 5.47
N HIS C 216 5.67 12.18 4.45
CA HIS C 216 5.65 10.74 4.30
C HIS C 216 6.50 10.06 5.36
N LEU C 217 7.78 10.42 5.42
CA LEU C 217 8.65 9.89 6.47
C LEU C 217 8.08 10.16 7.86
N GLN C 218 7.36 11.28 8.01
CA GLN C 218 6.76 11.62 9.30
C GLN C 218 5.66 10.63 9.67
N SER C 219 4.90 10.17 8.69
CA SER C 219 3.84 9.19 8.96
C SER C 219 4.40 7.78 9.04
N ASN C 220 5.18 7.37 8.03
CA ASN C 220 5.68 6.01 7.96
C ASN C 220 6.82 5.75 8.94
N HIS C 221 7.49 6.79 9.42
CA HIS C 221 8.62 6.64 10.35
C HIS C 221 8.44 7.63 11.50
N PRO C 222 7.47 7.40 12.38
CA PRO C 222 7.24 8.34 13.48
C PRO C 222 8.30 8.29 14.56
N ASP C 223 8.90 7.12 14.80
CA ASP C 223 9.92 6.99 15.83
C ASP C 223 11.29 7.51 15.38
N ASP C 224 11.40 8.06 14.17
CA ASP C 224 12.63 8.69 13.70
C ASP C 224 12.32 10.15 13.41
N ILE C 225 12.28 10.95 14.48
CA ILE C 225 11.89 12.35 14.36
C ILE C 225 12.76 13.05 13.32
N PHE C 226 14.03 12.71 13.26
CA PHE C 226 15.00 13.39 12.41
C PHE C 226 15.42 12.55 11.20
N LEU C 227 14.53 11.65 10.76
CA LEU C 227 14.82 10.87 9.57
C LEU C 227 14.93 11.76 8.34
N PHE C 228 14.02 12.71 8.19
CA PHE C 228 14.07 13.64 7.06
C PHE C 228 15.39 14.40 7.01
N PRO C 229 15.85 15.05 8.08
CA PRO C 229 17.17 15.71 8.00
C PRO C 229 18.30 14.77 7.63
N LYS C 230 18.26 13.53 8.13
CA LYS C 230 19.29 12.56 7.77
C LYS C 230 19.30 12.30 6.27
N LEU C 231 18.12 12.13 5.67
CA LEU C 231 18.06 11.91 4.23
C LEU C 231 18.62 13.09 3.46
N LEU C 232 18.26 14.32 3.88
CA LEU C 232 18.89 15.50 3.31
C LEU C 232 20.41 15.40 3.41
N GLN C 233 20.93 14.98 4.57
CA GLN C 233 22.36 14.78 4.70
C GLN C 233 22.85 13.64 3.81
N LYS C 234 21.97 12.70 3.49
CA LYS C 234 22.33 11.61 2.59
C LYS C 234 22.37 12.09 1.14
N MET C 235 21.45 12.98 0.75
CA MET C 235 21.52 13.55 -0.59
C MET C 235 22.86 14.21 -0.84
N ALA C 236 23.41 14.89 0.16
CA ALA C 236 24.70 15.55 0.02
C ALA C 236 25.83 14.53 -0.12
N ASP C 237 25.76 13.44 0.64
CA ASP C 237 26.79 12.40 0.53
C ASP C 237 26.82 11.83 -0.88
N LEU C 238 25.65 11.58 -1.47
CA LEU C 238 25.59 11.07 -2.84
C LEU C 238 26.18 12.07 -3.83
N ARG C 239 25.95 13.36 -3.60
CA ARG C 239 26.56 14.39 -4.43
C ARG C 239 28.07 14.22 -4.47
N GLN C 240 28.72 14.17 -3.30
CA GLN C 240 30.14 13.90 -3.25
C GLN C 240 30.46 12.51 -3.79
N LEU C 241 29.66 11.51 -3.44
CA LEU C 241 29.91 10.16 -3.91
C LEU C 241 29.93 10.11 -5.44
N VAL C 242 29.01 10.84 -6.08
CA VAL C 242 29.00 10.88 -7.55
C VAL C 242 30.17 11.71 -8.06
N THR C 243 30.43 12.86 -7.43
CA THR C 243 31.59 13.66 -7.81
C THR C 243 32.86 12.82 -7.76
N GLU C 244 33.13 12.20 -6.61
CA GLU C 244 34.31 11.34 -6.49
C GLU C 244 34.26 10.21 -7.51
N HIS C 245 33.07 9.68 -7.79
CA HIS C 245 32.96 8.59 -8.74
C HIS C 245 33.38 9.02 -10.14
N ALA C 246 32.80 10.11 -10.64
CA ALA C 246 33.14 10.58 -11.98
C ALA C 246 34.62 10.85 -12.12
N GLN C 247 35.28 11.29 -11.05
CA GLN C 247 36.72 11.54 -11.11
C GLN C 247 37.48 10.22 -11.32
N LEU C 248 37.15 9.19 -10.55
CA LEU C 248 37.79 7.89 -10.73
C LEU C 248 37.44 7.26 -12.07
N VAL C 249 36.32 7.64 -12.67
CA VAL C 249 35.97 7.08 -13.98
C VAL C 249 36.86 7.68 -15.07
N GLN C 250 37.15 8.98 -14.99
CA GLN C 250 38.02 9.60 -15.97
C GLN C 250 39.41 8.96 -15.96
N ILE C 251 39.94 8.67 -14.76
CA ILE C 251 41.28 8.10 -14.67
C ILE C 251 41.33 6.74 -15.35
N ILE C 252 40.31 5.91 -15.15
CA ILE C 252 40.25 4.63 -15.84
C ILE C 252 40.10 4.86 -17.35
N LYS C 253 39.30 5.84 -17.73
CA LYS C 253 39.12 6.15 -19.15
C LYS C 253 40.41 6.66 -19.78
N LYS C 254 41.30 7.27 -18.99
CA LYS C 254 42.55 7.82 -19.49
C LYS C 254 43.74 6.88 -19.34
N THR C 255 43.57 5.74 -18.67
CA THR C 255 44.68 4.83 -18.44
C THR C 255 44.39 3.38 -18.78
N GLU C 256 43.14 3.02 -19.09
CA GLU C 256 42.78 1.66 -19.43
C GLU C 256 42.41 1.63 -20.92
N SER C 257 43.28 1.03 -21.73
CA SER C 257 43.12 1.08 -23.18
C SER C 257 41.99 0.21 -23.69
N ASP C 258 41.55 -0.79 -22.93
CA ASP C 258 40.54 -1.73 -23.38
C ASP C 258 39.22 -1.57 -22.62
N ALA C 259 39.09 -0.54 -21.79
CA ALA C 259 37.90 -0.33 -20.97
C ALA C 259 37.09 0.83 -21.58
N ALA C 260 36.51 0.57 -22.74
CA ALA C 260 35.75 1.60 -23.44
C ALA C 260 34.47 1.95 -22.71
N LEU C 261 34.08 3.22 -22.79
CA LEU C 261 32.86 3.72 -22.19
C LEU C 261 31.70 3.68 -23.20
N HIS C 262 30.49 3.57 -22.66
CA HIS C 262 29.28 3.56 -23.48
C HIS C 262 28.97 4.96 -24.00
N PRO C 263 28.40 5.04 -25.21
CA PRO C 263 28.06 6.38 -25.75
C PRO C 263 27.18 7.19 -24.83
N LEU C 264 26.05 6.63 -24.38
CA LEU C 264 25.14 7.38 -23.52
C LEU C 264 25.79 7.80 -22.21
N LEU C 265 26.70 6.98 -21.68
CA LEU C 265 27.30 7.29 -20.38
C LEU C 265 28.33 8.41 -20.51
N GLN C 266 29.08 8.45 -21.61
CA GLN C 266 30.04 9.52 -21.80
C GLN C 266 29.35 10.87 -21.90
N GLU C 267 28.24 10.93 -22.62
CA GLU C 267 27.49 12.19 -22.75
C GLU C 267 27.17 12.78 -21.39
N ILE C 268 26.80 11.93 -20.42
CA ILE C 268 26.47 12.41 -19.09
C ILE C 268 27.72 12.85 -18.34
N TYR C 269 28.77 12.04 -18.39
CA TYR C 269 30.02 12.40 -17.72
C TYR C 269 30.63 13.65 -18.32
N ARG C 270 30.46 13.87 -19.63
CA ARG C 270 31.03 15.05 -20.27
C ARG C 270 30.48 16.32 -19.63
N ASP C 271 31.39 17.18 -19.17
CA ASP C 271 31.03 18.47 -18.58
C ASP C 271 30.27 18.32 -17.27
N MET C 272 30.44 17.18 -16.58
CA MET C 272 29.76 16.96 -15.31
C MET C 272 30.53 17.61 -14.17
N TYR C 273 31.46 16.88 -13.57
CA TYR C 273 32.23 17.40 -12.45
C TYR C 273 33.73 17.26 -12.68
#